data_8SVU
#
_entry.id   8SVU
#
_cell.length_a   85.275
_cell.length_b   89.778
_cell.length_c   106.121
_cell.angle_alpha   90.00
_cell.angle_beta   90.00
_cell.angle_gamma   90.00
#
_symmetry.space_group_name_H-M   'P 21 21 21'
#
loop_
_entity.id
_entity.type
_entity.pdbx_description
1 polymer 'Nuclear receptor subfamily 1 group I member 2, Nuclear receptor coactivator 1 fusion protein,Nuclear receptor coactivator 1'
2 non-polymer GLYCEROL
3 water water
#
_entity_poly.entity_id   1
_entity_poly.type   'polypeptide(L)'
_entity_poly.pdbx_seq_one_letter_code
;HHHHHHGSERTGTQPLGVQGLTEEQRMMIRELMDAQMKTFDTTFSHFKNFRLPGVLSSGCELPESLQAPSREEAAKWSQV
RKDLCSLKVSLQLRGEDGSVWNYKPPADSGGKEIFSLLPHMADMSTYMFKGIISFAKVISYFRDLPIEDQISLLKGAAFE
LCQLRFNTVFNAETGTWECGRLSYCLEDTAGGFQQLLLEPMLKFHYMLKKLQLHEEEYVLMQAISLFSPDRPGVLQHRVV
DQLQEQFAITLKSYIECNRPQPAHRFLFLKIMAMLTELRSINAQHTQRLLRIQDIHPFATPLMQEVFGITGSSGGSGGSS
HSSLTERHKILHRLLQEGSPSDITTLSVEPD
;
_entity_poly.pdbx_strand_id   A,B
#
loop_
_chem_comp.id
_chem_comp.type
_chem_comp.name
_chem_comp.formula
GOL non-polymer GLYCEROL 'C3 H8 O3'
#
# COMPACT_ATOMS: atom_id res chain seq x y z
N GLY A 20 -53.09 4.34 -3.30
CA GLY A 20 -51.68 4.64 -3.48
C GLY A 20 -51.26 5.95 -2.85
N LEU A 21 -50.45 6.71 -3.56
CA LEU A 21 -49.98 8.01 -3.11
C LEU A 21 -50.51 9.11 -4.03
N THR A 22 -50.68 10.30 -3.47
CA THR A 22 -50.97 11.48 -4.27
C THR A 22 -49.93 11.64 -5.37
N GLU A 23 -50.36 12.10 -6.55
CA GLU A 23 -49.40 12.33 -7.61
C GLU A 23 -48.33 13.33 -7.19
N GLU A 24 -48.69 14.27 -6.31
CA GLU A 24 -47.69 15.16 -5.73
C GLU A 24 -46.68 14.38 -4.90
N GLN A 25 -47.15 13.36 -4.17
CA GLN A 25 -46.23 12.49 -3.46
C GLN A 25 -45.40 11.66 -4.43
N ARG A 26 -46.02 11.20 -5.53
CA ARG A 26 -45.27 10.46 -6.53
C ARG A 26 -44.25 11.36 -7.24
N MET A 27 -44.63 12.61 -7.50
CA MET A 27 -43.67 13.55 -8.10
C MET A 27 -42.58 13.93 -7.12
N MET A 28 -42.89 13.97 -5.83
CA MET A 28 -41.88 14.29 -4.82
C MET A 28 -40.80 13.22 -4.78
N ILE A 29 -41.19 11.94 -4.81
CA ILE A 29 -40.22 10.86 -4.86
C ILE A 29 -39.45 10.91 -6.17
N ARG A 30 -40.13 11.28 -7.26
CA ARG A 30 -39.47 11.37 -8.56
C ARG A 30 -38.33 12.38 -8.54
N GLU A 31 -38.53 13.53 -7.88
CA GLU A 31 -37.49 14.54 -7.84
C GLU A 31 -36.32 14.14 -6.95
N LEU A 32 -36.62 13.51 -5.81
CA LEU A 32 -35.55 13.05 -4.92
C LEU A 32 -34.74 11.94 -5.59
N MET A 33 -35.42 10.97 -6.22
CA MET A 33 -34.73 9.90 -6.93
C MET A 33 -33.92 10.45 -8.09
N ASP A 34 -34.47 11.42 -8.82
CA ASP A 34 -33.72 12.07 -9.88
C ASP A 34 -32.50 12.80 -9.32
N ALA A 35 -32.65 13.46 -8.17
CA ALA A 35 -31.51 14.13 -7.55
C ALA A 35 -30.45 13.13 -7.14
N GLN A 36 -30.86 11.97 -6.60
CA GLN A 36 -29.90 10.97 -6.17
C GLN A 36 -29.13 10.39 -7.37
N MET A 37 -29.84 10.11 -8.46
CA MET A 37 -29.20 9.54 -9.65
C MET A 37 -28.15 10.47 -10.22
N LYS A 38 -28.38 11.78 -10.17
CA LYS A 38 -27.49 12.77 -10.75
C LYS A 38 -26.35 13.17 -9.82
N THR A 39 -26.43 12.86 -8.53
CA THR A 39 -25.47 13.38 -7.56
C THR A 39 -24.80 12.31 -6.70
N PHE A 40 -25.14 11.04 -6.88
CA PHE A 40 -24.57 9.96 -6.06
C PHE A 40 -23.72 9.08 -6.97
N ASP A 41 -22.40 9.24 -6.87
CA ASP A 41 -21.46 8.40 -7.61
C ASP A 41 -21.33 7.07 -6.89
N THR A 42 -22.30 6.17 -7.15
CA THR A 42 -22.39 4.94 -6.38
C THR A 42 -21.15 4.05 -6.55
N THR A 43 -20.47 4.17 -7.69
CA THR A 43 -19.26 3.40 -7.94
C THR A 43 -17.99 4.17 -7.64
N PHE A 44 -18.10 5.43 -7.19
CA PHE A 44 -16.96 6.26 -6.82
C PHE A 44 -15.98 6.42 -7.98
N SER A 45 -16.51 6.40 -9.21
CA SER A 45 -15.67 6.47 -10.40
C SER A 45 -14.93 7.80 -10.51
N HIS A 46 -15.52 8.88 -9.99
CA HIS A 46 -14.97 10.21 -10.11
C HIS A 46 -14.27 10.66 -8.83
N PHE A 47 -13.99 9.75 -7.92
CA PHE A 47 -13.20 10.06 -6.72
C PHE A 47 -11.76 9.73 -7.02
N LYS A 48 -10.97 10.74 -7.38
CA LYS A 48 -9.59 10.57 -7.77
C LYS A 48 -8.75 11.65 -7.10
N ASN A 49 -7.43 11.52 -7.26
CA ASN A 49 -6.46 12.49 -6.75
C ASN A 49 -6.57 12.65 -5.23
N PHE A 50 -6.94 11.59 -4.53
CA PHE A 50 -7.04 11.63 -3.08
C PHE A 50 -5.72 11.26 -2.43
N ARG A 51 -5.51 11.75 -1.22
CA ARG A 51 -4.30 11.43 -0.48
C ARG A 51 -4.37 10.03 0.10
N LEU A 52 -3.21 9.42 0.25
CA LEU A 52 -3.06 8.10 0.84
C LEU A 52 -1.98 8.14 1.91
N PRO A 53 -2.03 7.22 2.88
CA PRO A 53 -0.94 7.16 3.86
C PRO A 53 0.39 6.86 3.20
N GLY A 54 1.42 7.63 3.60
CA GLY A 54 2.74 7.42 3.05
C GLY A 54 3.31 6.06 3.38
N VAL A 55 4.33 5.68 2.62
CA VAL A 55 4.97 4.37 2.80
C VAL A 55 5.66 4.29 4.16
N LEU A 56 6.37 5.34 4.56
CA LEU A 56 7.05 5.38 5.84
C LEU A 56 6.08 5.70 6.97
N GLU A 73 -2.50 19.69 27.77
CA GLU A 73 -2.29 19.20 26.41
C GLU A 73 -2.36 17.68 26.38
N ALA A 74 -1.95 17.06 27.48
CA ALA A 74 -2.00 15.60 27.57
C ALA A 74 -3.43 15.09 27.59
N ALA A 75 -4.32 15.78 28.31
CA ALA A 75 -5.73 15.40 28.33
C ALA A 75 -6.38 15.60 26.98
N LYS A 76 -5.91 16.57 26.20
CA LYS A 76 -6.42 16.76 24.84
C LYS A 76 -6.03 15.59 23.95
N TRP A 77 -4.77 15.15 24.02
CA TRP A 77 -4.33 14.01 23.24
C TRP A 77 -4.96 12.72 23.75
N SER A 78 -5.18 12.62 25.06
CA SER A 78 -5.77 11.40 25.63
C SER A 78 -7.18 11.19 25.10
N GLN A 79 -7.96 12.27 24.98
CA GLN A 79 -9.29 12.17 24.39
C GLN A 79 -9.22 11.88 22.89
N VAL A 80 -8.21 12.42 22.20
CA VAL A 80 -8.09 12.23 20.77
C VAL A 80 -7.79 10.77 20.44
N ARG A 81 -6.99 10.10 21.27
CA ARG A 81 -6.65 8.71 21.03
C ARG A 81 -7.87 7.80 21.13
N LYS A 82 -8.78 8.10 22.07
CA LYS A 82 -10.00 7.32 22.18
C LYS A 82 -10.94 7.59 21.01
N ASP A 83 -10.91 8.81 20.46
CA ASP A 83 -11.77 9.15 19.34
C ASP A 83 -11.40 8.36 18.08
N LEU A 84 -10.10 8.16 17.85
CA LEU A 84 -9.62 7.49 16.64
C LEU A 84 -9.59 5.98 16.76
N CYS A 85 -9.51 5.43 17.97
CA CYS A 85 -9.44 3.98 18.13
C CYS A 85 -10.77 3.31 17.79
N SER A 86 -11.88 4.03 17.95
CA SER A 86 -13.20 3.42 17.78
C SER A 86 -13.43 2.99 16.34
N LEU A 87 -13.10 3.84 15.37
CA LEU A 87 -13.33 3.56 13.96
C LEU A 87 -11.98 3.36 13.27
N LYS A 88 -11.42 2.16 13.45
CA LYS A 88 -10.16 1.77 12.81
C LYS A 88 -10.47 0.79 11.69
N VAL A 89 -10.08 1.15 10.46
CA VAL A 89 -10.38 0.35 9.28
C VAL A 89 -9.11 0.10 8.49
N SER A 90 -9.11 -0.99 7.74
CA SER A 90 -8.07 -1.28 6.76
C SER A 90 -8.54 -0.83 5.38
N LEU A 91 -7.59 -0.41 4.56
CA LEU A 91 -7.87 0.16 3.26
C LEU A 91 -7.44 -0.80 2.16
N GLN A 92 -8.27 -0.93 1.13
CA GLN A 92 -8.00 -1.82 0.01
C GLN A 92 -8.24 -1.08 -1.30
N LEU A 93 -7.24 -1.07 -2.17
CA LEU A 93 -7.31 -0.45 -3.49
C LEU A 93 -7.13 -1.52 -4.54
N ARG A 94 -8.21 -1.83 -5.26
CA ARG A 94 -8.13 -2.76 -6.39
C ARG A 94 -7.84 -1.96 -7.66
N GLY A 95 -6.80 -2.39 -8.38
CA GLY A 95 -6.39 -1.69 -9.58
C GLY A 95 -7.10 -2.19 -10.83
N GLU A 96 -6.99 -1.39 -11.89
CA GLU A 96 -7.61 -1.76 -13.16
C GLU A 96 -7.00 -3.02 -13.74
N ASP A 97 -5.71 -3.26 -13.52
CA ASP A 97 -5.05 -4.43 -14.07
C ASP A 97 -5.35 -5.71 -13.30
N GLY A 98 -5.92 -5.62 -12.11
CA GLY A 98 -6.19 -6.78 -11.28
C GLY A 98 -5.39 -6.83 -10.00
N SER A 99 -4.36 -5.99 -9.86
CA SER A 99 -3.57 -5.95 -8.64
C SER A 99 -4.36 -5.34 -7.49
N VAL A 100 -3.92 -5.63 -6.27
CA VAL A 100 -4.59 -5.18 -5.06
C VAL A 100 -3.57 -4.55 -4.13
N TRP A 101 -3.84 -3.32 -3.70
CA TRP A 101 -3.09 -2.67 -2.64
C TRP A 101 -3.92 -2.72 -1.36
N ASN A 102 -3.29 -3.10 -0.25
CA ASN A 102 -3.98 -3.18 1.03
C ASN A 102 -3.16 -2.46 2.10
N TYR A 103 -3.86 -1.71 2.95
CA TYR A 103 -3.23 -0.94 4.02
C TYR A 103 -3.83 -1.35 5.36
N LYS A 104 -2.99 -1.85 6.26
CA LYS A 104 -3.42 -2.09 7.63
C LYS A 104 -3.04 -0.92 8.52
N PRO A 105 -3.92 -0.46 9.40
CA PRO A 105 -3.61 0.73 10.19
C PRO A 105 -2.61 0.42 11.29
N PRO A 106 -1.80 1.39 11.69
CA PRO A 106 -0.82 1.15 12.76
C PRO A 106 -1.51 1.13 14.12
N ALA A 107 -0.76 0.65 15.12
CA ALA A 107 -1.24 0.67 16.49
C ALA A 107 -0.76 1.94 17.19
N ASP A 108 -1.50 2.33 18.22
CA ASP A 108 -1.18 3.56 18.97
C ASP A 108 0.13 3.39 19.74
N GLY A 111 2.08 8.86 20.43
CA GLY A 111 2.41 8.76 19.02
C GLY A 111 1.47 9.55 18.12
N LYS A 112 1.98 9.96 16.96
CA LYS A 112 1.20 10.70 15.98
C LYS A 112 0.75 9.83 14.81
N GLU A 113 1.05 8.53 14.82
CA GLU A 113 0.63 7.67 13.72
C GLU A 113 -0.88 7.51 13.65
N ILE A 114 -1.59 7.89 14.71
CA ILE A 114 -3.04 7.77 14.75
C ILE A 114 -3.72 8.65 13.70
N PHE A 115 -3.01 9.66 13.19
CA PHE A 115 -3.54 10.54 12.15
C PHE A 115 -3.06 10.14 10.75
N SER A 116 -2.82 8.86 10.53
CA SER A 116 -2.29 8.42 9.23
C SER A 116 -3.37 8.41 8.14
N LEU A 117 -4.61 8.11 8.49
CA LEU A 117 -5.70 8.05 7.53
C LEU A 117 -6.51 9.35 7.43
N LEU A 118 -6.21 10.34 8.27
CA LEU A 118 -7.01 11.57 8.28
C LEU A 118 -6.99 12.31 6.95
N PRO A 119 -5.85 12.51 6.27
CA PRO A 119 -5.90 13.19 4.96
C PRO A 119 -6.75 12.45 3.93
N HIS A 120 -6.68 11.12 3.91
CA HIS A 120 -7.53 10.35 3.00
C HIS A 120 -9.00 10.50 3.37
N MET A 121 -9.33 10.32 4.66
CA MET A 121 -10.69 10.53 5.11
C MET A 121 -11.15 11.96 4.87
N ALA A 122 -10.23 12.92 4.97
CA ALA A 122 -10.56 14.31 4.64
C ALA A 122 -10.96 14.45 3.18
N ASP A 123 -10.24 13.78 2.28
CA ASP A 123 -10.58 13.86 0.87
C ASP A 123 -11.88 13.11 0.58
N MET A 124 -12.10 11.98 1.24
CA MET A 124 -13.33 11.23 1.02
C MET A 124 -14.56 12.01 1.52
N SER A 125 -14.45 12.61 2.70
CA SER A 125 -15.57 13.39 3.23
C SER A 125 -15.88 14.58 2.34
N THR A 126 -14.85 15.32 1.91
CA THR A 126 -15.07 16.47 1.03
C THR A 126 -15.72 16.04 -0.27
N TYR A 127 -15.28 14.93 -0.85
CA TYR A 127 -15.87 14.44 -2.09
C TYR A 127 -17.33 14.07 -1.87
N MET A 128 -17.64 13.45 -0.73
CA MET A 128 -19.02 13.10 -0.44
C MET A 128 -19.85 14.36 -0.14
N PHE A 129 -19.29 15.31 0.61
CA PHE A 129 -20.02 16.53 0.91
C PHE A 129 -20.40 17.28 -0.37
N LYS A 130 -19.51 17.28 -1.37
CA LYS A 130 -19.82 17.97 -2.62
C LYS A 130 -21.01 17.33 -3.33
N GLY A 131 -21.10 16.00 -3.30
CA GLY A 131 -22.24 15.32 -3.89
C GLY A 131 -23.52 15.55 -3.11
N ILE A 132 -23.43 15.74 -1.79
CA ILE A 132 -24.60 16.07 -1.00
C ILE A 132 -25.09 17.48 -1.34
N ILE A 133 -24.15 18.42 -1.51
CA ILE A 133 -24.52 19.78 -1.88
C ILE A 133 -25.24 19.80 -3.22
N SER A 134 -24.73 19.03 -4.19
CA SER A 134 -25.41 18.94 -5.48
C SER A 134 -26.77 18.26 -5.35
N PHE A 135 -26.89 17.32 -4.41
CA PHE A 135 -28.18 16.66 -4.19
C PHE A 135 -29.23 17.65 -3.73
N ALA A 136 -28.88 18.52 -2.78
CA ALA A 136 -29.84 19.50 -2.28
C ALA A 136 -30.19 20.54 -3.33
N LYS A 137 -29.21 20.93 -4.17
CA LYS A 137 -29.46 21.95 -5.20
C LYS A 137 -30.49 21.50 -6.22
N VAL A 138 -30.55 20.21 -6.53
CA VAL A 138 -31.51 19.72 -7.53
C VAL A 138 -32.93 19.78 -6.99
N ILE A 139 -33.10 19.63 -5.68
CA ILE A 139 -34.43 19.63 -5.08
C ILE A 139 -35.02 21.03 -5.17
N SER A 140 -36.22 21.15 -5.73
CA SER A 140 -36.84 22.46 -5.92
C SER A 140 -37.22 23.10 -4.59
N TYR A 141 -37.75 22.30 -3.67
CA TYR A 141 -38.11 22.84 -2.36
C TYR A 141 -36.91 23.43 -1.64
N PHE A 142 -35.71 22.92 -1.92
CA PHE A 142 -34.51 23.43 -1.28
C PHE A 142 -34.02 24.70 -1.97
N ARG A 143 -34.19 24.78 -3.30
CA ARG A 143 -33.76 25.97 -4.02
C ARG A 143 -34.60 27.19 -3.68
N ASP A 144 -35.89 26.99 -3.41
CA ASP A 144 -36.79 28.08 -3.08
C ASP A 144 -36.55 28.64 -1.67
N LEU A 145 -35.66 28.05 -0.89
CA LEU A 145 -35.35 28.56 0.43
C LEU A 145 -34.30 29.66 0.34
N PRO A 146 -34.24 30.55 1.34
CA PRO A 146 -33.17 31.56 1.35
C PRO A 146 -31.80 30.91 1.40
N ILE A 147 -30.81 31.65 0.87
CA ILE A 147 -29.45 31.12 0.78
C ILE A 147 -28.87 30.88 2.17
N GLU A 148 -29.22 31.73 3.14
CA GLU A 148 -28.73 31.51 4.50
C GLU A 148 -29.33 30.26 5.11
N ASP A 149 -30.59 29.95 4.77
CA ASP A 149 -31.20 28.70 5.24
C ASP A 149 -30.64 27.49 4.52
N GLN A 150 -30.29 27.64 3.24
CA GLN A 150 -29.68 26.54 2.50
C GLN A 150 -28.31 26.17 3.08
N ILE A 151 -27.55 27.17 3.51
CA ILE A 151 -26.26 26.91 4.15
C ILE A 151 -26.46 26.26 5.51
N SER A 152 -27.44 26.75 6.27
CA SER A 152 -27.67 26.21 7.61
C SER A 152 -28.12 24.74 7.54
N LEU A 153 -29.02 24.43 6.61
CA LEU A 153 -29.48 23.05 6.47
C LEU A 153 -28.35 22.14 6.00
N LEU A 154 -27.57 22.58 5.02
CA LEU A 154 -26.45 21.76 4.55
C LEU A 154 -25.39 21.59 5.63
N LYS A 155 -25.18 22.62 6.45
CA LYS A 155 -24.17 22.49 7.52
C LYS A 155 -24.61 21.49 8.59
N GLY A 156 -25.90 21.37 8.83
CA GLY A 156 -26.38 20.49 9.89
C GLY A 156 -26.62 19.06 9.43
N ALA A 157 -26.77 18.85 8.12
CA ALA A 157 -27.13 17.55 7.59
C ALA A 157 -26.05 16.92 6.70
N ALA A 158 -24.90 17.57 6.53
CA ALA A 158 -23.89 17.05 5.62
C ALA A 158 -23.37 15.69 6.08
N PHE A 159 -23.01 15.58 7.36
CA PHE A 159 -22.50 14.31 7.87
C PHE A 159 -23.57 13.23 7.82
N GLU A 160 -24.82 13.58 8.17
CA GLU A 160 -25.88 12.59 8.23
C GLU A 160 -26.21 12.06 6.85
N LEU A 161 -26.35 12.95 5.86
CA LEU A 161 -26.67 12.50 4.50
C LEU A 161 -25.55 11.67 3.92
N CYS A 162 -24.31 11.91 4.34
CA CYS A 162 -23.19 11.08 3.89
C CYS A 162 -23.29 9.67 4.48
N GLN A 163 -23.55 9.57 5.77
CA GLN A 163 -23.71 8.26 6.40
C GLN A 163 -24.88 7.51 5.78
N LEU A 164 -25.95 8.22 5.42
CA LEU A 164 -27.08 7.57 4.76
C LEU A 164 -26.67 7.03 3.38
N ARG A 165 -25.83 7.77 2.66
CA ARG A 165 -25.33 7.28 1.38
C ARG A 165 -24.31 6.18 1.58
N PHE A 166 -23.46 6.30 2.60
CA PHE A 166 -22.48 5.25 2.88
C PHE A 166 -23.14 3.93 3.26
N ASN A 167 -24.34 3.99 3.84
CA ASN A 167 -25.02 2.76 4.25
C ASN A 167 -25.44 1.92 3.04
N THR A 168 -25.66 2.56 1.89
CA THR A 168 -26.10 1.81 0.72
C THR A 168 -24.97 0.99 0.09
N VAL A 169 -23.73 1.29 0.44
CA VAL A 169 -22.58 0.53 -0.05
C VAL A 169 -21.92 -0.26 1.07
N PHE A 170 -22.63 -0.45 2.19
CA PHE A 170 -22.09 -1.18 3.33
C PHE A 170 -22.45 -2.65 3.24
N ASN A 171 -21.47 -3.51 3.52
CA ASN A 171 -21.65 -4.95 3.53
C ASN A 171 -21.58 -5.43 4.98
N ALA A 172 -22.72 -5.79 5.54
CA ALA A 172 -22.75 -6.18 6.95
C ALA A 172 -22.10 -7.55 7.18
N GLU A 173 -22.11 -8.41 6.17
CA GLU A 173 -21.48 -9.72 6.31
C GLU A 173 -19.97 -9.60 6.48
N THR A 174 -19.35 -8.65 5.79
CA THR A 174 -17.91 -8.48 5.84
C THR A 174 -17.48 -7.25 6.62
N GLY A 175 -18.42 -6.44 7.09
CA GLY A 175 -18.09 -5.19 7.75
C GLY A 175 -17.26 -4.26 6.87
N THR A 176 -17.63 -4.14 5.60
CA THR A 176 -16.84 -3.39 4.63
C THR A 176 -17.74 -2.42 3.87
N TRP A 177 -17.28 -1.18 3.74
CA TRP A 177 -17.91 -0.20 2.87
C TRP A 177 -17.28 -0.32 1.49
N GLU A 178 -18.06 -0.78 0.51
CA GLU A 178 -17.55 -1.06 -0.82
C GLU A 178 -17.75 0.15 -1.71
N CYS A 179 -16.70 0.97 -1.84
CA CYS A 179 -16.77 2.22 -2.58
C CYS A 179 -16.09 2.08 -3.93
N GLY A 180 -16.68 1.26 -4.78
CA GLY A 180 -16.11 0.97 -6.08
C GLY A 180 -14.79 0.22 -5.96
N ARG A 181 -13.69 0.83 -6.44
CA ARG A 181 -12.39 0.21 -6.31
C ARG A 181 -11.83 0.32 -4.90
N LEU A 182 -12.34 1.26 -4.11
CA LEU A 182 -11.92 1.43 -2.72
C LEU A 182 -12.80 0.61 -1.80
N SER A 183 -12.20 0.06 -0.75
CA SER A 183 -12.91 -0.70 0.26
C SER A 183 -12.35 -0.35 1.62
N TYR A 184 -13.25 -0.19 2.60
CA TYR A 184 -12.90 0.13 3.97
C TYR A 184 -13.44 -0.98 4.86
N CYS A 185 -12.56 -1.85 5.33
CA CYS A 185 -12.99 -3.01 6.16
C CYS A 185 -12.65 -2.76 7.62
N LEU A 186 -13.58 -3.06 8.52
CA LEU A 186 -13.38 -2.78 9.96
C LEU A 186 -12.46 -3.81 10.59
N GLU A 187 -11.41 -3.33 11.27
CA GLU A 187 -10.45 -4.24 11.96
C GLU A 187 -10.89 -4.44 13.42
N ASP A 188 -10.78 -5.67 13.95
CA ASP A 188 -11.13 -5.95 15.37
C ASP A 188 -10.48 -7.27 15.79
N GLN A 194 -19.51 -7.62 18.42
CA GLN A 194 -19.87 -7.48 19.86
C GLN A 194 -19.23 -6.20 20.41
N GLN A 195 -17.91 -6.11 20.38
CA GLN A 195 -17.20 -4.88 20.80
C GLN A 195 -17.43 -3.78 19.77
N LEU A 196 -17.75 -4.17 18.53
CA LEU A 196 -18.06 -3.19 17.46
C LEU A 196 -19.41 -2.54 17.75
N LEU A 197 -20.43 -3.34 18.09
CA LEU A 197 -21.76 -2.78 18.32
C LEU A 197 -21.80 -1.78 19.46
N LEU A 198 -20.70 -1.66 20.23
CA LEU A 198 -20.63 -0.62 21.24
C LEU A 198 -20.49 0.76 20.61
N GLU A 199 -19.80 0.87 19.49
CA GLU A 199 -19.65 2.15 18.81
C GLU A 199 -20.97 2.53 18.16
N PRO A 200 -21.54 3.70 18.47
CA PRO A 200 -22.86 4.03 17.90
C PRO A 200 -22.87 4.10 16.38
N MET A 201 -21.79 4.59 15.76
CA MET A 201 -21.78 4.70 14.31
C MET A 201 -21.72 3.35 13.64
N LEU A 202 -21.13 2.35 14.30
CA LEU A 202 -21.15 1.00 13.76
C LEU A 202 -22.50 0.32 14.00
N LYS A 203 -23.07 0.50 15.20
CA LYS A 203 -24.40 -0.06 15.45
C LYS A 203 -25.44 0.57 14.53
N PHE A 204 -25.23 1.84 14.15
CA PHE A 204 -26.17 2.51 13.26
C PHE A 204 -26.19 1.85 11.89
N HIS A 205 -25.02 1.61 11.29
CA HIS A 205 -24.97 1.01 9.97
C HIS A 205 -25.50 -0.41 9.96
N TYR A 206 -25.24 -1.17 11.02
CA TYR A 206 -25.77 -2.53 11.09
C TYR A 206 -27.28 -2.53 11.28
N MET A 207 -27.80 -1.61 12.09
CA MET A 207 -29.24 -1.55 12.30
C MET A 207 -29.97 -1.04 11.06
N LEU A 208 -29.42 -0.02 10.39
CA LEU A 208 -30.06 0.52 9.20
C LEU A 208 -30.01 -0.48 8.05
N LYS A 209 -28.91 -1.22 7.91
CA LYS A 209 -28.80 -2.19 6.84
C LYS A 209 -29.77 -3.35 7.02
N LYS A 210 -30.09 -3.68 8.28
CA LYS A 210 -31.00 -4.78 8.55
C LYS A 210 -32.45 -4.45 8.20
N LEU A 211 -32.81 -3.16 8.17
CA LEU A 211 -34.16 -2.78 7.75
C LEU A 211 -34.40 -3.06 6.29
N GLN A 212 -33.35 -3.16 5.48
CA GLN A 212 -33.45 -3.48 4.06
C GLN A 212 -34.36 -2.50 3.32
N LEU A 213 -33.94 -1.23 3.35
CA LEU A 213 -34.74 -0.16 2.78
C LEU A 213 -34.59 -0.09 1.27
N HIS A 214 -35.61 0.48 0.62
CA HIS A 214 -35.61 0.69 -0.82
C HIS A 214 -34.83 1.96 -1.16
N GLU A 215 -34.50 2.11 -2.45
CA GLU A 215 -33.81 3.32 -2.90
C GLU A 215 -34.63 4.56 -2.60
N GLU A 216 -35.96 4.44 -2.70
CA GLU A 216 -36.84 5.56 -2.41
C GLU A 216 -36.90 5.87 -0.91
N GLU A 217 -36.81 4.84 -0.07
CA GLU A 217 -36.87 5.09 1.37
C GLU A 217 -35.58 5.75 1.86
N TYR A 218 -34.44 5.38 1.30
CA TYR A 218 -33.18 6.04 1.64
C TYR A 218 -33.22 7.52 1.27
N VAL A 219 -33.65 7.82 0.03
CA VAL A 219 -33.63 9.21 -0.43
C VAL A 219 -34.67 10.05 0.31
N LEU A 220 -35.71 9.42 0.84
CA LEU A 220 -36.66 10.15 1.68
C LEU A 220 -36.08 10.44 3.06
N MET A 221 -35.29 9.51 3.60
CA MET A 221 -34.56 9.79 4.84
C MET A 221 -33.61 10.97 4.64
N GLN A 222 -32.96 11.05 3.48
CA GLN A 222 -32.09 12.19 3.21
C GLN A 222 -32.89 13.49 3.19
N ALA A 223 -34.05 13.49 2.53
CA ALA A 223 -34.90 14.67 2.49
C ALA A 223 -35.36 15.06 3.90
N ILE A 224 -35.81 14.07 4.68
CA ILE A 224 -36.27 14.35 6.04
C ILE A 224 -35.12 14.89 6.87
N SER A 225 -33.92 14.32 6.72
CA SER A 225 -32.77 14.81 7.47
C SER A 225 -32.33 16.18 6.98
N LEU A 226 -32.41 16.43 5.67
CA LEU A 226 -31.96 17.70 5.13
C LEU A 226 -32.87 18.84 5.58
N PHE A 227 -34.17 18.65 5.48
CA PHE A 227 -35.15 19.68 5.85
C PHE A 227 -35.50 19.59 7.34
N SER A 228 -34.47 19.67 8.17
CA SER A 228 -34.67 19.69 9.62
C SER A 228 -34.82 21.13 10.10
N PRO A 229 -35.96 21.51 10.67
CA PRO A 229 -36.15 22.92 11.04
C PRO A 229 -35.34 23.34 12.26
N ASP A 230 -34.91 22.41 13.10
CA ASP A 230 -34.19 22.73 14.34
C ASP A 230 -32.67 22.78 14.14
N ARG A 231 -32.19 22.95 12.91
CA ARG A 231 -30.76 23.12 12.70
C ARG A 231 -30.34 24.51 13.17
N PRO A 232 -29.13 24.63 13.71
CA PRO A 232 -28.65 25.95 14.15
C PRO A 232 -28.56 26.92 12.98
N GLY A 233 -29.05 28.14 13.19
CA GLY A 233 -28.97 29.19 12.21
C GLY A 233 -30.12 29.23 11.22
N VAL A 234 -31.04 28.27 11.26
CA VAL A 234 -32.19 28.28 10.37
C VAL A 234 -33.17 29.35 10.79
N LEU A 235 -33.59 30.19 9.85
CA LEU A 235 -34.56 31.24 10.11
C LEU A 235 -36.00 30.81 9.80
N GLN A 236 -36.26 30.31 8.59
CA GLN A 236 -37.60 29.90 8.20
C GLN A 236 -37.93 28.56 8.84
N HIS A 237 -38.22 28.60 10.15
CA HIS A 237 -38.54 27.37 10.88
C HIS A 237 -39.86 26.78 10.41
N ARG A 238 -40.90 27.62 10.27
CA ARG A 238 -42.23 27.11 9.93
C ARG A 238 -42.23 26.46 8.54
N VAL A 239 -41.50 27.04 7.58
CA VAL A 239 -41.53 26.52 6.22
C VAL A 239 -40.80 25.18 6.16
N VAL A 240 -39.61 25.10 6.77
CA VAL A 240 -38.84 23.86 6.73
C VAL A 240 -39.56 22.75 7.49
N ASP A 241 -40.22 23.09 8.59
CA ASP A 241 -40.98 22.09 9.34
C ASP A 241 -42.12 21.50 8.51
N GLN A 242 -42.81 22.34 7.74
CA GLN A 242 -43.88 21.83 6.89
C GLN A 242 -43.32 20.99 5.75
N LEU A 243 -42.17 21.37 5.20
CA LEU A 243 -41.54 20.57 4.16
C LEU A 243 -41.11 19.21 4.71
N GLN A 244 -40.53 19.19 5.91
CA GLN A 244 -40.14 17.91 6.51
C GLN A 244 -41.34 17.01 6.72
N GLU A 245 -42.47 17.59 7.17
CA GLU A 245 -43.65 16.77 7.41
C GLU A 245 -44.17 16.14 6.12
N GLN A 246 -44.07 16.87 5.00
CA GLN A 246 -44.52 16.31 3.73
C GLN A 246 -43.64 15.14 3.28
N PHE A 247 -42.32 15.26 3.45
CA PHE A 247 -41.45 14.14 3.16
C PHE A 247 -41.73 12.96 4.09
N ALA A 248 -41.99 13.24 5.37
CA ALA A 248 -42.29 12.16 6.30
C ALA A 248 -43.60 11.49 5.96
N ILE A 249 -44.64 12.26 5.62
CA ILE A 249 -45.93 11.69 5.26
C ILE A 249 -45.80 10.80 4.03
N THR A 250 -45.03 11.26 3.04
CA THR A 250 -44.84 10.46 1.83
C THR A 250 -44.10 9.17 2.12
N LEU A 251 -43.06 9.23 2.96
CA LEU A 251 -42.37 8.01 3.37
C LEU A 251 -43.31 7.10 4.13
N LYS A 252 -44.11 7.67 5.04
CA LYS A 252 -45.11 6.87 5.75
C LYS A 252 -46.12 6.27 4.78
N SER A 253 -46.56 7.06 3.80
CA SER A 253 -47.51 6.55 2.82
C SER A 253 -46.87 5.54 1.88
N TYR A 254 -45.59 5.72 1.56
CA TYR A 254 -44.90 4.79 0.68
C TYR A 254 -44.79 3.40 1.32
N ILE A 255 -44.49 3.36 2.62
CA ILE A 255 -44.37 2.08 3.31
C ILE A 255 -45.71 1.37 3.38
N GLU A 256 -46.79 2.13 3.60
CA GLU A 256 -48.12 1.53 3.65
C GLU A 256 -48.50 0.90 2.31
N CYS A 257 -48.22 1.60 1.20
CA CYS A 257 -48.71 1.19 -0.11
C CYS A 257 -47.82 0.18 -0.82
N ASN A 258 -46.55 0.08 -0.45
CA ASN A 258 -45.58 -0.71 -1.21
C ASN A 258 -44.98 -1.85 -0.42
N ARG A 259 -45.46 -2.11 0.79
CA ARG A 259 -44.96 -3.20 1.60
C ARG A 259 -46.12 -3.96 2.22
N PRO A 260 -45.91 -5.23 2.56
CA PRO A 260 -46.94 -5.99 3.30
C PRO A 260 -47.36 -5.25 4.56
N GLN A 261 -48.68 -5.05 4.71
CA GLN A 261 -49.19 -4.17 5.75
C GLN A 261 -48.87 -4.66 7.17
N PRO A 262 -49.15 -5.91 7.56
CA PRO A 262 -48.95 -6.26 8.97
C PRO A 262 -47.48 -6.40 9.36
N ALA A 263 -46.63 -6.93 8.47
CA ALA A 263 -45.25 -7.20 8.86
C ALA A 263 -44.44 -5.91 9.03
N HIS A 264 -44.62 -4.96 8.13
CA HIS A 264 -43.95 -3.67 8.18
C HIS A 264 -44.82 -2.61 8.84
N ARG A 265 -45.51 -2.99 9.92
CA ARG A 265 -46.45 -2.10 10.58
C ARG A 265 -45.75 -0.91 11.21
N PHE A 266 -44.52 -1.10 11.69
CA PHE A 266 -43.78 -0.07 12.40
C PHE A 266 -42.48 0.31 11.70
N LEU A 267 -42.36 0.00 10.40
CA LEU A 267 -41.13 0.34 9.68
C LEU A 267 -40.89 1.84 9.68
N PHE A 268 -41.94 2.63 9.47
CA PHE A 268 -41.77 4.08 9.45
C PHE A 268 -41.24 4.60 10.79
N LEU A 269 -41.77 4.08 11.90
CA LEU A 269 -41.30 4.49 13.21
C LEU A 269 -39.86 4.03 13.46
N LYS A 270 -39.49 2.86 12.94
CA LYS A 270 -38.09 2.44 13.06
C LYS A 270 -37.17 3.37 12.26
N ILE A 271 -37.62 3.80 11.08
CA ILE A 271 -36.83 4.73 10.29
C ILE A 271 -36.64 6.05 11.03
N MET A 272 -37.71 6.57 11.65
CA MET A 272 -37.57 7.83 12.36
C MET A 272 -36.68 7.69 13.58
N ALA A 273 -36.66 6.51 14.21
CA ALA A 273 -35.76 6.30 15.35
C ALA A 273 -34.31 6.29 14.91
N MET A 274 -34.03 5.74 13.71
CA MET A 274 -32.67 5.75 13.19
C MET A 274 -32.22 7.16 12.85
N LEU A 275 -33.14 8.00 12.34
CA LEU A 275 -32.79 9.37 12.04
C LEU A 275 -32.50 10.15 13.32
N THR A 276 -33.22 9.87 14.40
CA THR A 276 -32.94 10.51 15.67
C THR A 276 -31.58 10.07 16.20
N GLU A 277 -31.28 8.77 16.14
CA GLU A 277 -29.97 8.28 16.56
C GLU A 277 -28.87 8.85 15.66
N LEU A 278 -29.15 9.00 14.36
CA LEU A 278 -28.15 9.57 13.45
C LEU A 278 -27.84 11.02 13.81
N ARG A 279 -28.83 11.76 14.33
CA ARG A 279 -28.57 13.13 14.77
C ARG A 279 -27.73 13.16 16.03
N SER A 280 -27.91 12.20 16.92
CA SER A 280 -27.04 12.07 18.09
C SER A 280 -25.61 11.73 17.67
N ILE A 281 -25.45 10.84 16.68
CA ILE A 281 -24.12 10.50 16.20
C ILE A 281 -23.48 11.70 15.49
N ASN A 282 -24.28 12.49 14.77
CA ASN A 282 -23.76 13.68 14.12
C ASN A 282 -23.21 14.67 15.14
N ALA A 283 -23.90 14.83 16.27
CA ALA A 283 -23.41 15.72 17.32
C ALA A 283 -22.12 15.19 17.93
N GLN A 284 -22.04 13.88 18.17
CA GLN A 284 -20.84 13.31 18.76
C GLN A 284 -19.67 13.33 17.80
N HIS A 285 -19.92 13.09 16.51
CA HIS A 285 -18.85 13.12 15.51
C HIS A 285 -18.29 14.52 15.35
N THR A 286 -19.16 15.54 15.37
CA THR A 286 -18.68 16.91 15.24
C THR A 286 -17.75 17.28 16.39
N GLN A 287 -18.04 16.79 17.60
CA GLN A 287 -17.21 17.13 18.75
C GLN A 287 -15.89 16.38 18.74
N ARG A 288 -15.89 15.13 18.28
CA ARG A 288 -14.63 14.42 18.06
C ARG A 288 -13.77 15.15 17.05
N LEU A 289 -14.35 15.53 15.90
CA LEU A 289 -13.58 16.16 14.84
C LEU A 289 -12.95 17.47 15.31
N LEU A 290 -13.69 18.27 16.08
CA LEU A 290 -13.12 19.51 16.59
C LEU A 290 -12.00 19.25 17.58
N ARG A 291 -12.04 18.12 18.30
CA ARG A 291 -10.93 17.76 19.17
C ARG A 291 -9.70 17.33 18.36
N ILE A 292 -9.91 16.49 17.34
CA ILE A 292 -8.80 16.08 16.47
C ILE A 292 -8.24 17.30 15.75
N GLN A 293 -9.11 18.16 15.22
CA GLN A 293 -8.68 19.34 14.49
C GLN A 293 -7.88 20.29 15.38
N ASP A 294 -8.17 20.30 16.69
CA ASP A 294 -7.52 21.25 17.59
C ASP A 294 -6.04 20.94 17.76
N ILE A 295 -5.69 19.67 17.96
CA ILE A 295 -4.30 19.30 18.14
C ILE A 295 -3.60 18.97 16.83
N HIS A 296 -4.34 18.59 15.79
CA HIS A 296 -3.76 18.14 14.53
C HIS A 296 -4.68 18.56 13.40
N PRO A 297 -4.47 19.76 12.84
CA PRO A 297 -5.35 20.23 11.75
C PRO A 297 -5.26 19.33 10.52
N PHE A 298 -6.43 18.97 9.98
CA PHE A 298 -6.51 18.05 8.87
C PHE A 298 -7.70 18.37 7.98
N ALA A 299 -8.52 19.34 8.39
CA ALA A 299 -9.76 19.62 7.70
C ALA A 299 -9.52 20.43 6.42
N THR A 300 -10.20 20.04 5.35
CA THR A 300 -10.12 20.77 4.09
C THR A 300 -10.90 22.08 4.21
N PRO A 301 -10.66 23.04 3.30
CA PRO A 301 -11.40 24.31 3.36
C PRO A 301 -12.91 24.15 3.39
N LEU A 302 -13.46 23.17 2.66
CA LEU A 302 -14.90 22.98 2.67
C LEU A 302 -15.37 22.42 4.01
N MET A 303 -14.66 21.43 4.56
CA MET A 303 -15.00 20.90 5.87
C MET A 303 -14.90 21.97 6.96
N GLN A 304 -13.96 22.88 6.82
CA GLN A 304 -13.80 23.95 7.83
C GLN A 304 -15.10 24.76 7.89
N GLU A 305 -15.72 25.02 6.74
CA GLU A 305 -16.97 25.78 6.72
C GLU A 305 -18.12 24.99 7.33
N VAL A 306 -18.17 23.68 7.06
CA VAL A 306 -19.27 22.86 7.54
C VAL A 306 -19.20 22.69 9.05
N PHE A 307 -18.01 22.46 9.59
CA PHE A 307 -17.83 22.16 11.01
C PHE A 307 -17.49 23.40 11.83
N GLY A 308 -17.55 24.59 11.23
CA GLY A 308 -17.33 25.81 12.00
C GLY A 308 -15.89 26.07 12.38
N ILE A 309 -14.94 25.56 11.60
CA ILE A 309 -13.52 25.79 11.87
C ILE A 309 -13.08 27.05 11.13
N THR A 310 -12.30 27.88 11.79
CA THR A 310 -11.86 29.15 11.20
C THR A 310 -10.52 28.97 10.48
N SER A 323 -22.23 36.84 9.56
CA SER A 323 -22.76 36.58 8.23
C SER A 323 -22.46 35.16 7.78
N LEU A 324 -23.51 34.33 7.74
CA LEU A 324 -23.38 32.96 7.27
C LEU A 324 -22.78 32.91 5.86
N THR A 325 -23.18 33.85 5.00
CA THR A 325 -22.67 33.86 3.64
C THR A 325 -21.20 34.28 3.58
N GLU A 326 -20.78 35.17 4.48
CA GLU A 326 -19.40 35.65 4.49
C GLU A 326 -18.45 34.73 5.24
N ARG A 327 -18.95 33.89 6.15
CA ARG A 327 -18.16 32.87 6.81
C ARG A 327 -18.20 31.53 6.10
N HIS A 328 -19.10 31.36 5.12
CA HIS A 328 -19.20 30.13 4.34
C HIS A 328 -19.19 30.47 2.86
N LYS A 329 -18.06 31.02 2.40
CA LYS A 329 -17.95 31.49 1.02
C LYS A 329 -17.88 30.33 0.02
N ILE A 330 -17.19 29.25 0.40
CA ILE A 330 -17.13 28.08 -0.49
C ILE A 330 -18.51 27.45 -0.63
N LEU A 331 -19.18 27.19 0.50
CA LEU A 331 -20.54 26.67 0.47
C LEU A 331 -21.46 27.60 -0.31
N HIS A 332 -21.26 28.92 -0.15
CA HIS A 332 -22.06 29.89 -0.89
C HIS A 332 -21.80 29.80 -2.38
N ARG A 333 -20.53 29.65 -2.77
CA ARG A 333 -20.20 29.59 -4.20
C ARG A 333 -20.71 28.32 -4.84
N LEU A 334 -20.58 27.18 -4.14
CA LEU A 334 -21.08 25.92 -4.66
C LEU A 334 -22.60 25.95 -4.86
N LEU A 335 -23.31 26.67 -4.00
CA LEU A 335 -24.76 26.78 -4.12
C LEU A 335 -25.19 27.76 -5.20
N GLN A 336 -24.31 28.68 -5.60
CA GLN A 336 -24.66 29.67 -6.62
C GLN A 336 -24.39 29.18 -8.03
N GLU A 337 -23.46 28.24 -8.21
CA GLU A 337 -23.10 27.72 -9.52
C GLU A 337 -24.29 27.14 -10.27
N GLY B 20 44.39 -25.16 13.44
CA GLY B 20 43.54 -24.04 13.07
C GLY B 20 43.83 -23.47 11.70
N LEU B 21 43.76 -22.14 11.59
CA LEU B 21 43.99 -21.45 10.34
C LEU B 21 45.29 -20.66 10.42
N THR B 22 45.96 -20.53 9.28
CA THR B 22 47.13 -19.67 9.24
C THR B 22 46.71 -18.22 9.46
N GLU B 23 47.66 -17.41 9.93
CA GLU B 23 47.37 -16.00 10.19
C GLU B 23 46.91 -15.28 8.93
N GLU B 24 47.44 -15.68 7.76
CA GLU B 24 46.96 -15.10 6.51
C GLU B 24 45.51 -15.49 6.25
N GLN B 25 45.15 -16.74 6.56
CA GLN B 25 43.76 -17.17 6.41
C GLN B 25 42.86 -16.48 7.42
N ARG B 26 43.35 -16.30 8.65
CA ARG B 26 42.56 -15.60 9.65
C ARG B 26 42.38 -14.12 9.28
N MET B 27 43.42 -13.49 8.73
CA MET B 27 43.27 -12.12 8.24
C MET B 27 42.35 -12.07 7.04
N MET B 28 42.33 -13.12 6.22
CA MET B 28 41.48 -13.14 5.04
C MET B 28 40.00 -13.13 5.44
N ILE B 29 39.62 -14.03 6.35
CA ILE B 29 38.24 -14.08 6.82
C ILE B 29 37.89 -12.78 7.54
N ARG B 30 38.84 -12.22 8.28
CA ARG B 30 38.58 -11.00 9.03
C ARG B 30 38.25 -9.84 8.10
N GLU B 31 38.99 -9.73 6.99
CA GLU B 31 38.75 -8.64 6.05
C GLU B 31 37.43 -8.84 5.31
N LEU B 32 37.10 -10.09 4.96
CA LEU B 32 35.85 -10.34 4.25
C LEU B 32 34.64 -10.08 5.13
N MET B 33 34.68 -10.54 6.40
CA MET B 33 33.57 -10.29 7.31
C MET B 33 33.43 -8.81 7.60
N ASP B 34 34.53 -8.11 7.85
CA ASP B 34 34.47 -6.67 8.05
C ASP B 34 33.94 -5.97 6.80
N ALA B 35 34.32 -6.48 5.61
CA ALA B 35 33.77 -5.95 4.37
C ALA B 35 32.26 -6.14 4.30
N GLN B 36 31.79 -7.35 4.68
CA GLN B 36 30.36 -7.64 4.62
C GLN B 36 29.57 -6.73 5.55
N MET B 37 30.06 -6.56 6.79
CA MET B 37 29.35 -5.76 7.78
C MET B 37 29.21 -4.31 7.32
N LYS B 38 30.23 -3.77 6.66
CA LYS B 38 30.22 -2.36 6.28
C LYS B 38 29.43 -2.08 5.01
N THR B 39 29.11 -3.11 4.22
CA THR B 39 28.51 -2.89 2.91
C THR B 39 27.18 -3.61 2.71
N PHE B 40 26.69 -4.34 3.70
CA PHE B 40 25.43 -5.07 3.58
C PHE B 40 24.41 -4.39 4.50
N ASP B 41 23.53 -3.60 3.89
CA ASP B 41 22.40 -3.00 4.60
C ASP B 41 21.33 -4.08 4.77
N THR B 42 21.52 -4.90 5.79
CA THR B 42 20.61 -6.04 5.99
C THR B 42 19.19 -5.58 6.29
N THR B 43 19.03 -4.41 6.91
CA THR B 43 17.72 -3.85 7.18
C THR B 43 17.18 -3.01 6.03
N PHE B 44 18.00 -2.74 5.01
CA PHE B 44 17.59 -1.96 3.84
C PHE B 44 17.07 -0.58 4.22
N SER B 45 17.50 -0.10 5.40
CA SER B 45 17.08 1.21 5.89
C SER B 45 17.55 2.35 5.01
N HIS B 46 18.62 2.16 4.24
CA HIS B 46 19.12 3.17 3.32
C HIS B 46 18.63 2.95 1.89
N PHE B 47 17.62 2.09 1.71
CA PHE B 47 17.01 1.86 0.42
C PHE B 47 15.71 2.67 0.35
N LYS B 48 15.77 3.81 -0.34
CA LYS B 48 14.63 4.72 -0.44
C LYS B 48 14.54 5.23 -1.87
N ASN B 49 13.53 6.07 -2.11
CA ASN B 49 13.30 6.70 -3.42
C ASN B 49 13.10 5.66 -4.53
N PHE B 50 12.58 4.49 -4.18
CA PHE B 50 12.37 3.42 -5.15
C PHE B 50 10.96 3.48 -5.74
N ARG B 51 10.81 2.88 -6.90
CA ARG B 51 9.52 2.81 -7.58
C ARG B 51 8.68 1.67 -7.02
N LEU B 52 7.36 1.86 -7.06
CA LEU B 52 6.39 0.87 -6.64
C LEU B 52 5.31 0.74 -7.70
N PRO B 53 4.61 -0.39 -7.75
CA PRO B 53 3.51 -0.52 -8.72
C PRO B 53 2.43 0.51 -8.47
N GLY B 54 1.86 1.02 -9.56
CA GLY B 54 0.84 2.05 -9.48
C GLY B 54 -0.45 1.60 -8.81
N TRP B 77 7.18 -13.09 -27.59
CA TRP B 77 6.58 -12.50 -26.39
C TRP B 77 6.06 -13.60 -25.47
N SER B 78 5.69 -14.74 -26.06
CA SER B 78 5.19 -15.87 -25.28
C SER B 78 6.26 -16.37 -24.32
N GLN B 79 7.49 -16.53 -24.81
CA GLN B 79 8.58 -17.00 -23.95
C GLN B 79 8.91 -15.98 -22.86
N VAL B 80 8.71 -14.69 -23.15
CA VAL B 80 8.94 -13.66 -22.14
C VAL B 80 7.89 -13.72 -21.05
N ARG B 81 6.66 -14.15 -21.39
CA ARG B 81 5.63 -14.28 -20.36
C ARG B 81 5.92 -15.45 -19.43
N LYS B 82 6.57 -16.51 -19.93
CA LYS B 82 6.96 -17.61 -19.07
C LYS B 82 8.12 -17.22 -18.14
N ASP B 83 8.92 -16.23 -18.56
CA ASP B 83 10.02 -15.78 -17.71
C ASP B 83 9.51 -15.08 -16.46
N LEU B 84 8.49 -14.23 -16.60
CA LEU B 84 7.97 -13.47 -15.47
C LEU B 84 7.07 -14.30 -14.58
N CYS B 85 6.33 -15.25 -15.16
CA CYS B 85 5.46 -16.12 -14.37
C CYS B 85 6.24 -17.02 -13.42
N SER B 86 7.51 -17.30 -13.73
CA SER B 86 8.31 -18.18 -12.88
C SER B 86 8.54 -17.58 -11.50
N LEU B 87 8.71 -16.25 -11.44
CA LEU B 87 9.02 -15.54 -10.20
C LEU B 87 7.92 -14.52 -9.93
N LYS B 88 6.80 -15.00 -9.40
CA LYS B 88 5.67 -14.16 -9.03
C LYS B 88 5.64 -14.02 -7.51
N VAL B 89 5.82 -12.79 -7.03
CA VAL B 89 5.91 -12.54 -5.60
C VAL B 89 4.97 -11.40 -5.21
N SER B 90 4.59 -11.40 -3.94
CA SER B 90 3.81 -10.32 -3.35
C SER B 90 4.73 -9.45 -2.49
N LEU B 91 4.50 -8.15 -2.51
CA LEU B 91 5.36 -7.18 -1.84
C LEU B 91 4.69 -6.68 -0.56
N GLN B 92 5.47 -6.59 0.51
CA GLN B 92 5.00 -6.06 1.78
C GLN B 92 5.95 -4.96 2.22
N LEU B 93 5.40 -3.83 2.63
CA LEU B 93 6.17 -2.65 3.02
C LEU B 93 5.70 -2.22 4.40
N ARG B 94 6.46 -2.58 5.42
CA ARG B 94 6.12 -2.22 6.80
C ARG B 94 6.68 -0.84 7.12
N GLY B 95 5.85 0.00 7.75
CA GLY B 95 6.26 1.34 8.09
C GLY B 95 6.77 1.45 9.52
N GLU B 96 7.48 2.55 9.78
CA GLU B 96 8.04 2.76 11.12
C GLU B 96 6.95 2.88 12.18
N ASP B 97 5.76 3.34 11.78
CA ASP B 97 4.66 3.51 12.73
C ASP B 97 3.99 2.19 13.10
N GLY B 98 4.23 1.12 12.35
CA GLY B 98 3.57 -0.15 12.56
C GLY B 98 2.59 -0.53 11.48
N SER B 99 2.28 0.37 10.56
CA SER B 99 1.35 0.08 9.48
C SER B 99 2.00 -0.84 8.45
N VAL B 100 1.15 -1.47 7.63
CA VAL B 100 1.59 -2.41 6.61
C VAL B 100 0.88 -2.08 5.30
N TRP B 101 1.67 -1.90 4.24
CA TRP B 101 1.17 -1.86 2.87
C TRP B 101 1.52 -3.17 2.20
N ASN B 102 0.51 -3.88 1.69
CA ASN B 102 0.69 -5.17 1.02
C ASN B 102 0.22 -5.06 -0.43
N TYR B 103 1.01 -5.63 -1.34
CA TYR B 103 0.67 -5.61 -2.78
C TYR B 103 0.55 -7.04 -3.29
N LYS B 104 -0.66 -7.46 -3.65
CA LYS B 104 -0.82 -8.79 -4.27
C LYS B 104 -0.69 -8.58 -5.77
N PRO B 105 0.13 -9.37 -6.48
CA PRO B 105 0.36 -9.15 -7.90
C PRO B 105 -0.85 -9.46 -8.77
N PRO B 106 -0.98 -8.83 -9.96
CA PRO B 106 -2.07 -9.14 -10.87
C PRO B 106 -1.89 -10.48 -11.60
N ALA B 107 -2.98 -11.05 -12.13
CA ALA B 107 -2.89 -12.30 -12.92
C ALA B 107 -2.64 -11.99 -14.39
N ASP B 108 -1.96 -12.87 -15.12
CA ASP B 108 -1.64 -12.58 -16.55
C ASP B 108 -2.94 -12.51 -17.36
N SER B 109 -3.18 -11.36 -17.99
CA SER B 109 -4.45 -11.16 -18.73
C SER B 109 -4.27 -10.03 -19.74
N GLY B 110 -3.69 -10.32 -20.91
CA GLY B 110 -3.49 -9.29 -21.94
C GLY B 110 -2.13 -8.65 -21.87
N GLY B 111 -1.25 -9.18 -21.02
CA GLY B 111 0.14 -8.68 -20.94
C GLY B 111 0.26 -7.27 -20.41
N LYS B 112 1.45 -6.67 -20.49
CA LYS B 112 1.73 -5.29 -19.99
C LYS B 112 1.68 -5.27 -18.45
N GLU B 113 0.70 -5.93 -17.85
CA GLU B 113 0.55 -5.99 -16.38
C GLU B 113 1.63 -6.91 -15.79
N ILE B 114 2.30 -7.68 -16.64
CA ILE B 114 3.36 -8.63 -16.19
C ILE B 114 4.56 -7.85 -15.66
N PHE B 115 4.69 -6.58 -16.03
CA PHE B 115 5.86 -5.76 -15.63
C PHE B 115 5.44 -4.68 -14.63
N SER B 116 4.67 -5.08 -13.62
CA SER B 116 4.24 -4.14 -12.56
C SER B 116 5.36 -3.96 -11.54
N LEU B 117 5.91 -5.06 -11.03
CA LEU B 117 6.96 -4.98 -9.97
C LEU B 117 8.34 -4.83 -10.60
N LEU B 118 8.44 -4.96 -11.93
CA LEU B 118 9.75 -4.89 -12.62
C LEU B 118 10.46 -3.57 -12.30
N PRO B 119 9.85 -2.37 -12.42
CA PRO B 119 10.52 -1.13 -12.01
C PRO B 119 11.13 -1.24 -10.61
N HIS B 120 10.41 -1.79 -9.65
CA HIS B 120 10.90 -1.93 -8.27
C HIS B 120 12.07 -2.90 -8.21
N MET B 121 11.92 -4.06 -8.85
CA MET B 121 12.99 -5.08 -8.85
C MET B 121 14.26 -4.47 -9.44
N ALA B 122 14.14 -3.50 -10.35
CA ALA B 122 15.33 -2.84 -10.88
C ALA B 122 15.95 -1.91 -9.84
N ASP B 123 15.13 -1.23 -9.05
CA ASP B 123 15.64 -0.36 -8.01
C ASP B 123 16.26 -1.17 -6.88
N MET B 124 15.66 -2.32 -6.54
CA MET B 124 16.23 -3.18 -5.51
C MET B 124 17.54 -3.81 -5.97
N SER B 125 17.60 -4.22 -7.24
CA SER B 125 18.82 -4.80 -7.77
C SER B 125 19.96 -3.79 -7.79
N THR B 126 19.68 -2.57 -8.23
CA THR B 126 20.71 -1.54 -8.30
C THR B 126 21.24 -1.21 -6.91
N TYR B 127 20.34 -1.14 -5.92
CA TYR B 127 20.78 -0.89 -4.55
C TYR B 127 21.67 -2.02 -4.04
N MET B 128 21.27 -3.27 -4.30
CA MET B 128 22.07 -4.42 -3.88
C MET B 128 23.45 -4.43 -4.53
N PHE B 129 23.51 -4.16 -5.84
CA PHE B 129 24.78 -4.15 -6.54
C PHE B 129 25.69 -3.02 -6.03
N LYS B 130 25.11 -1.87 -5.68
CA LYS B 130 25.92 -0.79 -5.14
C LYS B 130 26.61 -1.22 -3.85
N GLY B 131 25.91 -1.99 -3.02
CA GLY B 131 26.56 -2.56 -1.85
C GLY B 131 27.56 -3.64 -2.20
N ILE B 132 27.30 -4.40 -3.27
CA ILE B 132 28.27 -5.37 -3.77
C ILE B 132 29.53 -4.68 -4.26
N ILE B 133 29.36 -3.55 -4.95
CA ILE B 133 30.51 -2.78 -5.42
C ILE B 133 31.33 -2.28 -4.24
N SER B 134 30.65 -1.74 -3.22
CA SER B 134 31.36 -1.29 -2.03
C SER B 134 32.02 -2.46 -1.31
N PHE B 135 31.40 -3.63 -1.35
CA PHE B 135 31.99 -4.82 -0.74
C PHE B 135 33.33 -5.15 -1.39
N ALA B 136 33.36 -5.19 -2.72
CA ALA B 136 34.60 -5.46 -3.43
C ALA B 136 35.62 -4.33 -3.23
N LYS B 137 35.15 -3.10 -3.11
CA LYS B 137 36.05 -1.95 -3.02
C LYS B 137 36.86 -1.95 -1.73
N VAL B 138 36.35 -2.56 -0.66
CA VAL B 138 37.07 -2.55 0.61
C VAL B 138 37.96 -3.77 0.80
N ILE B 139 37.90 -4.74 -0.11
CA ILE B 139 38.80 -5.88 -0.08
C ILE B 139 40.13 -5.48 -0.72
N SER B 140 41.23 -5.72 -0.02
CA SER B 140 42.53 -5.27 -0.49
C SER B 140 42.92 -5.96 -1.79
N TYR B 141 42.67 -7.26 -1.91
CA TYR B 141 43.04 -7.98 -3.11
C TYR B 141 42.28 -7.50 -4.34
N PHE B 142 41.11 -6.89 -4.15
CA PHE B 142 40.35 -6.37 -5.28
C PHE B 142 40.79 -4.96 -5.65
N ARG B 143 41.22 -4.17 -4.68
CA ARG B 143 41.69 -2.81 -4.97
C ARG B 143 42.96 -2.83 -5.81
N ASP B 144 43.87 -3.76 -5.52
CA ASP B 144 45.18 -3.80 -6.17
C ASP B 144 45.12 -4.36 -7.59
N LEU B 145 43.94 -4.73 -8.07
CA LEU B 145 43.77 -5.18 -9.43
C LEU B 145 43.60 -3.99 -10.36
N PRO B 146 43.90 -4.16 -11.65
CA PRO B 146 43.63 -3.07 -12.61
C PRO B 146 42.15 -2.72 -12.65
N ILE B 147 41.87 -1.44 -12.88
CA ILE B 147 40.49 -0.97 -12.85
C ILE B 147 39.68 -1.57 -13.98
N GLU B 148 40.33 -1.98 -15.07
CA GLU B 148 39.61 -2.65 -16.15
C GLU B 148 39.21 -4.05 -15.74
N ASP B 149 40.03 -4.72 -14.94
CA ASP B 149 39.66 -6.03 -14.39
C ASP B 149 38.65 -5.90 -13.25
N GLN B 150 38.67 -4.78 -12.52
CA GLN B 150 37.68 -4.57 -11.48
C GLN B 150 36.28 -4.42 -12.07
N ILE B 151 36.18 -3.76 -13.22
CA ILE B 151 34.90 -3.66 -13.91
C ILE B 151 34.47 -5.02 -14.44
N SER B 152 35.42 -5.79 -14.98
CA SER B 152 35.08 -7.09 -15.54
C SER B 152 34.61 -8.07 -14.47
N LEU B 153 35.33 -8.13 -13.35
CA LEU B 153 34.95 -9.03 -12.27
C LEU B 153 33.59 -8.66 -11.68
N LEU B 154 33.36 -7.37 -11.43
CA LEU B 154 32.07 -6.94 -10.91
C LEU B 154 30.96 -7.11 -11.95
N LYS B 155 31.30 -7.08 -13.23
CA LYS B 155 30.29 -7.24 -14.27
C LYS B 155 29.80 -8.69 -14.36
N GLY B 156 30.64 -9.65 -13.98
CA GLY B 156 30.29 -11.04 -14.11
C GLY B 156 29.79 -11.69 -12.84
N ALA B 157 29.95 -11.02 -11.69
CA ALA B 157 29.55 -11.57 -10.41
C ALA B 157 28.50 -10.74 -9.69
N ALA B 158 27.92 -9.73 -10.35
CA ALA B 158 26.95 -8.86 -9.69
C ALA B 158 25.71 -9.64 -9.25
N PHE B 159 25.13 -10.40 -10.18
CA PHE B 159 23.94 -11.20 -9.86
C PHE B 159 24.28 -12.28 -8.84
N GLU B 160 25.42 -12.94 -8.99
CA GLU B 160 25.77 -14.04 -8.11
C GLU B 160 25.96 -13.56 -6.67
N LEU B 161 26.74 -12.50 -6.48
CA LEU B 161 26.94 -11.97 -5.13
C LEU B 161 25.65 -11.41 -4.55
N CYS B 162 24.76 -10.90 -5.41
N CYS B 162 24.77 -10.90 -5.41
CA CYS B 162 23.47 -10.41 -4.91
CA CYS B 162 23.47 -10.40 -4.95
C CYS B 162 22.59 -11.55 -4.44
C CYS B 162 22.59 -11.54 -4.46
N GLN B 163 22.56 -12.66 -5.19
CA GLN B 163 21.78 -13.81 -4.78
C GLN B 163 22.34 -14.43 -3.50
N LEU B 164 23.66 -14.44 -3.35
CA LEU B 164 24.27 -14.97 -2.14
C LEU B 164 23.90 -14.12 -0.92
N ARG B 165 23.79 -12.81 -1.11
CA ARG B 165 23.34 -11.94 -0.03
C ARG B 165 21.84 -12.07 0.20
N PHE B 166 21.06 -12.22 -0.87
CA PHE B 166 19.62 -12.40 -0.71
C PHE B 166 19.30 -13.71 0.01
N ASN B 167 20.16 -14.72 -0.14
CA ASN B 167 19.90 -16.01 0.51
C ASN B 167 20.01 -15.91 2.02
N THR B 168 20.82 -14.97 2.53
CA THR B 168 20.99 -14.84 3.98
C THR B 168 19.76 -14.25 4.67
N VAL B 169 18.92 -13.52 3.93
CA VAL B 169 17.69 -12.96 4.46
C VAL B 169 16.47 -13.72 3.96
N PHE B 170 16.68 -14.94 3.47
CA PHE B 170 15.61 -15.76 2.93
C PHE B 170 15.07 -16.69 4.02
N ASN B 171 13.76 -16.75 4.15
CA ASN B 171 13.07 -17.63 5.09
C ASN B 171 12.47 -18.77 4.28
N ALA B 172 13.05 -19.97 4.42
CA ALA B 172 12.58 -21.11 3.65
C ALA B 172 11.21 -21.60 4.12
N GLU B 173 10.88 -21.39 5.40
CA GLU B 173 9.62 -21.90 5.91
C GLU B 173 8.44 -21.06 5.46
N THR B 174 8.65 -19.77 5.18
CA THR B 174 7.61 -18.89 4.69
C THR B 174 7.77 -18.49 3.23
N GLY B 175 8.88 -18.87 2.59
CA GLY B 175 9.11 -18.48 1.21
C GLY B 175 9.23 -16.99 1.02
N THR B 176 9.78 -16.27 1.99
CA THR B 176 9.85 -14.81 1.96
C THR B 176 11.29 -14.35 2.15
N TRP B 177 11.68 -13.36 1.36
CA TRP B 177 12.94 -12.64 1.58
C TRP B 177 12.65 -11.46 2.51
N GLU B 178 13.08 -11.58 3.76
CA GLU B 178 12.82 -10.57 4.79
C GLU B 178 13.88 -9.49 4.68
N CYS B 179 13.55 -8.43 3.94
CA CYS B 179 14.50 -7.35 3.67
C CYS B 179 14.19 -6.12 4.52
N GLY B 180 14.23 -6.32 5.83
CA GLY B 180 13.93 -5.23 6.74
C GLY B 180 12.47 -4.83 6.67
N ARG B 181 12.21 -3.57 6.33
CA ARG B 181 10.82 -3.12 6.21
C ARG B 181 10.14 -3.75 5.01
N LEU B 182 10.91 -4.09 3.97
CA LEU B 182 10.38 -4.75 2.79
C LEU B 182 10.38 -6.26 2.98
N SER B 183 9.40 -6.92 2.34
CA SER B 183 9.27 -8.37 2.37
C SER B 183 8.73 -8.83 1.03
N TYR B 184 9.35 -9.87 0.47
CA TYR B 184 8.98 -10.40 -0.84
C TYR B 184 8.57 -11.86 -0.65
N CYS B 185 7.26 -12.11 -0.69
CA CYS B 185 6.72 -13.44 -0.46
C CYS B 185 6.33 -14.09 -1.78
N LEU B 186 6.77 -15.33 -1.97
CA LEU B 186 6.42 -16.08 -3.19
C LEU B 186 4.92 -16.36 -3.17
N GLU B 187 4.18 -15.73 -4.09
CA GLU B 187 2.71 -15.93 -4.17
C GLU B 187 2.44 -17.38 -4.57
N ASP B 188 1.59 -18.07 -3.82
CA ASP B 188 1.27 -19.50 -4.11
C ASP B 188 0.67 -19.61 -5.51
N GLN B 195 6.23 -28.14 -5.90
CA GLN B 195 6.71 -28.34 -7.26
C GLN B 195 7.10 -27.02 -7.91
N LEU B 196 7.15 -25.96 -7.09
CA LEU B 196 7.65 -24.67 -7.55
C LEU B 196 9.17 -24.68 -7.74
N LEU B 197 9.86 -25.70 -7.21
CA LEU B 197 11.30 -25.87 -7.34
C LEU B 197 11.78 -26.11 -8.77
N LEU B 198 10.87 -26.13 -9.75
CA LEU B 198 11.27 -26.18 -11.14
C LEU B 198 12.09 -24.97 -11.57
N GLU B 199 11.85 -23.83 -10.98
CA GLU B 199 12.65 -22.64 -11.26
C GLU B 199 14.03 -22.81 -10.63
N PRO B 200 15.12 -22.75 -11.41
CA PRO B 200 16.45 -23.00 -10.82
C PRO B 200 16.84 -22.01 -9.74
N MET B 201 16.47 -20.73 -9.89
CA MET B 201 16.83 -19.75 -8.88
C MET B 201 16.11 -20.02 -7.56
N LEU B 202 14.87 -20.52 -7.61
CA LEU B 202 14.16 -20.83 -6.37
C LEU B 202 14.72 -22.08 -5.71
N LYS B 203 15.03 -23.11 -6.51
CA LYS B 203 15.66 -24.31 -5.95
C LYS B 203 17.05 -24.00 -5.40
N PHE B 204 17.73 -23.03 -6.00
CA PHE B 204 19.04 -22.62 -5.49
C PHE B 204 18.92 -22.06 -4.08
N HIS B 205 17.96 -21.17 -3.86
CA HIS B 205 17.81 -20.56 -2.53
C HIS B 205 17.39 -21.60 -1.49
N TYR B 206 16.55 -22.56 -1.88
CA TYR B 206 16.14 -23.58 -0.93
C TYR B 206 17.28 -24.54 -0.62
N MET B 207 18.01 -24.98 -1.65
CA MET B 207 19.13 -25.90 -1.42
C MET B 207 20.23 -25.25 -0.59
N LEU B 208 20.57 -24.00 -0.90
CA LEU B 208 21.62 -23.32 -0.16
C LEU B 208 21.21 -23.05 1.29
N LYS B 209 19.93 -22.78 1.53
CA LYS B 209 19.48 -22.53 2.89
C LYS B 209 19.56 -23.80 3.73
N LYS B 210 19.36 -24.97 3.13
CA LYS B 210 19.42 -26.23 3.86
C LYS B 210 20.82 -26.51 4.39
N LEU B 211 21.86 -26.04 3.71
CA LEU B 211 23.23 -26.28 4.17
C LEU B 211 23.54 -25.58 5.48
N GLN B 212 22.73 -24.59 5.86
CA GLN B 212 22.88 -23.85 7.11
C GLN B 212 24.30 -23.31 7.26
N LEU B 213 24.72 -22.53 6.26
CA LEU B 213 26.07 -22.01 6.24
C LEU B 213 26.24 -20.88 7.24
N HIS B 214 27.47 -20.72 7.72
CA HIS B 214 27.82 -19.61 8.60
C HIS B 214 28.05 -18.34 7.78
N GLU B 215 28.16 -17.22 8.50
CA GLU B 215 28.44 -15.95 7.84
C GLU B 215 29.78 -15.99 7.12
N GLU B 216 30.77 -16.63 7.71
CA GLU B 216 32.09 -16.72 7.09
C GLU B 216 32.05 -17.55 5.81
N GLU B 217 31.25 -18.61 5.79
CA GLU B 217 31.16 -19.43 4.59
C GLU B 217 30.45 -18.70 3.46
N TYR B 218 29.44 -17.89 3.80
CA TYR B 218 28.80 -17.06 2.78
C TYR B 218 29.78 -16.06 2.19
N VAL B 219 30.49 -15.32 3.05
CA VAL B 219 31.35 -14.26 2.55
C VAL B 219 32.55 -14.82 1.78
N LEU B 220 32.95 -16.06 2.07
CA LEU B 220 33.98 -16.71 1.27
C LEU B 220 33.45 -17.15 -0.10
N MET B 221 32.18 -17.57 -0.16
CA MET B 221 31.55 -17.84 -1.44
C MET B 221 31.50 -16.60 -2.30
N GLN B 222 31.21 -15.44 -1.69
CA GLN B 222 31.20 -14.19 -2.43
C GLN B 222 32.59 -13.90 -3.01
N ALA B 223 33.63 -14.13 -2.22
CA ALA B 223 35.00 -13.92 -2.69
C ALA B 223 35.34 -14.87 -3.83
N ILE B 224 34.97 -16.15 -3.70
CA ILE B 224 35.23 -17.12 -4.77
C ILE B 224 34.49 -16.72 -6.03
N SER B 225 33.24 -16.27 -5.89
CA SER B 225 32.48 -15.84 -7.05
C SER B 225 33.03 -14.53 -7.63
N LEU B 226 33.50 -13.64 -6.76
CA LEU B 226 33.99 -12.34 -7.24
C LEU B 226 35.29 -12.50 -8.00
N PHE B 227 36.24 -13.25 -7.46
CA PHE B 227 37.54 -13.46 -8.09
C PHE B 227 37.49 -14.70 -9.00
N SER B 228 36.64 -14.63 -10.01
CA SER B 228 36.59 -15.67 -11.03
C SER B 228 37.51 -15.30 -12.19
N PRO B 229 38.52 -16.11 -12.52
CA PRO B 229 39.45 -15.70 -13.58
C PRO B 229 38.87 -15.80 -14.98
N ASP B 230 37.89 -16.67 -15.19
CA ASP B 230 37.30 -16.89 -16.51
C ASP B 230 36.14 -15.96 -16.82
N ARG B 231 36.02 -14.84 -16.11
CA ARG B 231 35.00 -13.86 -16.45
C ARG B 231 35.38 -13.16 -17.76
N PRO B 232 34.39 -12.83 -18.59
CA PRO B 232 34.67 -12.09 -19.83
C PRO B 232 35.31 -10.74 -19.53
N GLY B 233 36.37 -10.43 -20.28
CA GLY B 233 37.07 -9.18 -20.14
C GLY B 233 38.22 -9.17 -19.15
N VAL B 234 38.40 -10.25 -18.38
CA VAL B 234 39.47 -10.31 -17.41
C VAL B 234 40.80 -10.52 -18.14
N LEU B 235 41.78 -9.68 -17.83
CA LEU B 235 43.11 -9.79 -18.41
C LEU B 235 44.08 -10.55 -17.51
N GLN B 236 44.19 -10.15 -16.24
CA GLN B 236 45.08 -10.82 -15.28
C GLN B 236 44.45 -12.14 -14.84
N HIS B 237 44.45 -13.11 -15.75
CA HIS B 237 43.86 -14.41 -15.45
C HIS B 237 44.61 -15.12 -14.33
N ARG B 238 45.95 -15.13 -14.41
CA ARG B 238 46.74 -15.88 -13.43
C ARG B 238 46.69 -15.23 -12.04
N VAL B 239 46.58 -13.90 -11.98
CA VAL B 239 46.51 -13.23 -10.69
C VAL B 239 45.17 -13.53 -10.01
N VAL B 240 44.08 -13.51 -10.78
CA VAL B 240 42.77 -13.79 -10.21
C VAL B 240 42.62 -15.27 -9.89
N ASP B 241 43.13 -16.15 -10.75
CA ASP B 241 43.04 -17.59 -10.50
C ASP B 241 43.80 -17.97 -9.23
N GLN B 242 44.93 -17.31 -8.98
CA GLN B 242 45.67 -17.57 -7.75
C GLN B 242 44.91 -17.02 -6.54
N LEU B 243 44.27 -15.86 -6.68
CA LEU B 243 43.46 -15.32 -5.60
C LEU B 243 42.26 -16.22 -5.30
N GLN B 244 41.63 -16.77 -6.35
CA GLN B 244 40.46 -17.61 -6.13
C GLN B 244 40.82 -18.88 -5.38
N GLU B 245 41.99 -19.46 -5.67
CA GLU B 245 42.39 -20.70 -5.01
C GLU B 245 42.65 -20.49 -3.52
N GLN B 246 43.18 -19.32 -3.15
CA GLN B 246 43.43 -19.06 -1.74
C GLN B 246 42.13 -18.90 -0.95
N PHE B 247 41.11 -18.31 -1.57
CA PHE B 247 39.82 -18.21 -0.89
C PHE B 247 39.17 -19.58 -0.74
N ALA B 248 39.32 -20.44 -1.75
CA ALA B 248 38.74 -21.78 -1.68
C ALA B 248 39.46 -22.63 -0.62
N ILE B 249 40.79 -22.50 -0.54
CA ILE B 249 41.55 -23.23 0.47
C ILE B 249 41.12 -22.78 1.87
N THR B 250 40.97 -21.47 2.07
CA THR B 250 40.55 -20.96 3.37
C THR B 250 39.16 -21.46 3.74
N LEU B 251 38.25 -21.52 2.77
CA LEU B 251 36.92 -22.06 3.04
C LEU B 251 36.98 -23.52 3.43
N LYS B 252 37.80 -24.32 2.72
CA LYS B 252 37.94 -25.72 3.07
C LYS B 252 38.58 -25.89 4.45
N SER B 253 39.54 -25.02 4.79
CA SER B 253 40.19 -25.10 6.08
C SER B 253 39.23 -24.67 7.20
N TYR B 254 38.45 -23.62 6.96
CA TYR B 254 37.48 -23.18 7.95
C TYR B 254 36.46 -24.28 8.25
N ILE B 255 35.97 -24.97 7.20
CA ILE B 255 34.96 -26.00 7.41
C ILE B 255 35.53 -27.14 8.25
N GLU B 256 36.79 -27.51 8.02
CA GLU B 256 37.40 -28.59 8.78
C GLU B 256 37.69 -28.19 10.22
N CYS B 257 37.94 -26.91 10.48
CA CYS B 257 38.26 -26.44 11.83
C CYS B 257 37.02 -26.16 12.68
N ASN B 258 35.83 -26.09 12.08
CA ASN B 258 34.66 -25.61 12.81
C ASN B 258 33.39 -26.43 12.61
N ARG B 259 33.39 -27.49 11.79
CA ARG B 259 32.18 -28.28 11.53
C ARG B 259 32.51 -29.78 11.54
N PRO B 260 32.55 -30.39 12.72
CA PRO B 260 32.86 -31.82 12.82
C PRO B 260 31.67 -32.75 12.67
N GLN B 261 30.46 -32.22 12.48
CA GLN B 261 29.26 -33.03 12.49
C GLN B 261 29.13 -33.85 11.22
N PRO B 262 28.36 -34.95 11.26
CA PRO B 262 28.16 -35.77 10.05
C PRO B 262 27.27 -35.11 9.01
N ALA B 263 26.40 -34.19 9.40
CA ALA B 263 25.56 -33.52 8.43
C ALA B 263 26.38 -32.61 7.52
N HIS B 264 27.52 -32.13 8.00
CA HIS B 264 28.41 -31.27 7.25
C HIS B 264 29.48 -32.03 6.49
N ARG B 265 29.27 -33.32 6.25
CA ARG B 265 30.18 -34.08 5.41
C ARG B 265 30.10 -33.59 3.97
N PHE B 266 31.27 -33.47 3.33
CA PHE B 266 31.40 -32.99 1.95
C PHE B 266 30.83 -31.58 1.78
N LEU B 267 30.80 -30.79 2.86
CA LEU B 267 30.20 -29.46 2.79
C LEU B 267 30.96 -28.55 1.84
N PHE B 268 32.30 -28.61 1.87
CA PHE B 268 33.08 -27.77 0.96
C PHE B 268 32.80 -28.11 -0.49
N LEU B 269 32.65 -29.40 -0.80
CA LEU B 269 32.34 -29.80 -2.17
C LEU B 269 30.91 -29.46 -2.56
N LYS B 270 29.97 -29.49 -1.60
CA LYS B 270 28.61 -29.05 -1.89
C LYS B 270 28.57 -27.55 -2.16
N ILE B 271 29.30 -26.77 -1.36
CA ILE B 271 29.36 -25.33 -1.56
C ILE B 271 29.92 -25.00 -2.94
N MET B 272 31.05 -25.65 -3.31
CA MET B 272 31.64 -25.38 -4.62
C MET B 272 30.72 -25.81 -5.75
N ALA B 273 29.93 -26.86 -5.55
CA ALA B 273 28.97 -27.27 -6.57
C ALA B 273 27.82 -26.27 -6.68
N MET B 274 27.40 -25.69 -5.55
CA MET B 274 26.38 -24.65 -5.59
C MET B 274 26.87 -23.42 -6.35
N LEU B 275 28.15 -23.09 -6.20
CA LEU B 275 28.70 -21.94 -6.93
C LEU B 275 28.72 -22.18 -8.43
N THR B 276 28.95 -23.43 -8.86
CA THR B 276 28.88 -23.73 -10.29
C THR B 276 27.44 -23.62 -10.80
N GLU B 277 26.49 -24.10 -10.00
CA GLU B 277 25.08 -23.97 -10.38
C GLU B 277 24.67 -22.50 -10.45
N LEU B 278 25.14 -21.69 -9.49
CA LEU B 278 24.79 -20.27 -9.50
C LEU B 278 25.33 -19.56 -10.73
N ARG B 279 26.47 -20.02 -11.24
CA ARG B 279 26.99 -19.44 -12.48
C ARG B 279 26.13 -19.81 -13.68
N SER B 280 25.56 -21.02 -13.67
CA SER B 280 24.61 -21.40 -14.72
C SER B 280 23.33 -20.56 -14.63
N ILE B 281 22.82 -20.36 -13.41
CA ILE B 281 21.62 -19.55 -13.24
C ILE B 281 21.86 -18.11 -13.67
N ASN B 282 23.09 -17.62 -13.49
CA ASN B 282 23.42 -16.25 -13.88
C ASN B 282 23.26 -16.06 -15.38
N ALA B 283 23.71 -17.02 -16.18
CA ALA B 283 23.57 -16.92 -17.62
C ALA B 283 22.10 -16.98 -18.03
N GLN B 284 21.33 -17.86 -17.40
CA GLN B 284 19.90 -17.96 -17.70
C GLN B 284 19.17 -16.66 -17.37
N HIS B 285 19.48 -16.07 -16.22
CA HIS B 285 18.83 -14.82 -15.83
C HIS B 285 19.19 -13.69 -16.77
N THR B 286 20.45 -13.65 -17.22
CA THR B 286 20.87 -12.61 -18.15
C THR B 286 20.14 -12.74 -19.49
N GLN B 287 19.95 -13.99 -19.95
CA GLN B 287 19.23 -14.20 -21.21
C GLN B 287 17.78 -13.76 -21.10
N ARG B 288 17.11 -14.10 -20.00
CA ARG B 288 15.71 -13.71 -19.83
C ARG B 288 15.57 -12.20 -19.69
N LEU B 289 16.49 -11.56 -18.95
CA LEU B 289 16.42 -10.13 -18.74
C LEU B 289 16.53 -9.37 -20.06
N LEU B 290 17.42 -9.83 -20.95
CA LEU B 290 17.59 -9.15 -22.23
C LEU B 290 16.35 -9.29 -23.11
N ARG B 291 15.63 -10.41 -23.00
CA ARG B 291 14.39 -10.56 -23.75
C ARG B 291 13.33 -9.59 -23.25
N ILE B 292 13.19 -9.46 -21.93
CA ILE B 292 12.23 -8.51 -21.38
C ILE B 292 12.63 -7.08 -21.73
N GLN B 293 13.92 -6.76 -21.60
CA GLN B 293 14.41 -5.45 -21.98
C GLN B 293 14.17 -5.17 -23.47
N ASP B 294 14.18 -6.21 -24.30
CA ASP B 294 13.95 -6.04 -25.72
C ASP B 294 12.51 -5.59 -25.99
N ILE B 295 11.54 -6.28 -25.41
CA ILE B 295 10.13 -5.92 -25.59
C ILE B 295 9.68 -4.83 -24.63
N HIS B 296 10.36 -4.64 -23.50
CA HIS B 296 10.01 -3.60 -22.55
C HIS B 296 11.25 -3.18 -21.75
N PRO B 297 11.93 -2.09 -22.14
CA PRO B 297 13.12 -1.68 -21.40
C PRO B 297 12.77 -1.29 -19.97
N PHE B 298 13.48 -1.90 -19.02
CA PHE B 298 13.24 -1.67 -17.60
C PHE B 298 14.50 -1.52 -16.77
N ALA B 299 15.68 -1.84 -17.30
CA ALA B 299 16.90 -1.80 -16.53
C ALA B 299 17.33 -0.36 -16.24
N THR B 300 17.80 -0.13 -15.01
CA THR B 300 18.35 1.15 -14.64
C THR B 300 19.70 1.36 -15.35
N PRO B 301 20.17 2.61 -15.44
CA PRO B 301 21.46 2.85 -16.13
C PRO B 301 22.61 1.97 -15.65
N LEU B 302 22.66 1.66 -14.35
CA LEU B 302 23.73 0.80 -13.85
C LEU B 302 23.52 -0.64 -14.30
N MET B 303 22.28 -1.12 -14.29
CA MET B 303 21.98 -2.46 -14.79
C MET B 303 22.33 -2.59 -16.27
N GLN B 304 22.13 -1.53 -17.03
CA GLN B 304 22.42 -1.58 -18.48
C GLN B 304 23.91 -1.81 -18.71
N GLU B 305 24.76 -1.24 -17.85
CA GLU B 305 26.20 -1.42 -17.96
C GLU B 305 26.60 -2.86 -17.66
N VAL B 306 25.98 -3.47 -16.65
CA VAL B 306 26.34 -4.82 -16.25
C VAL B 306 25.92 -5.83 -17.32
N PHE B 307 24.74 -5.64 -17.90
CA PHE B 307 24.17 -6.59 -18.85
C PHE B 307 24.45 -6.21 -20.29
N GLY B 308 25.28 -5.19 -20.53
CA GLY B 308 25.70 -4.86 -21.87
C GLY B 308 24.64 -4.25 -22.76
N ILE B 309 23.65 -3.57 -22.18
CA ILE B 309 22.55 -2.99 -22.94
C ILE B 309 22.93 -1.59 -23.43
N SER B 323 39.03 -0.22 -23.34
CA SER B 323 37.92 0.72 -23.46
C SER B 323 36.72 0.28 -22.62
N LEU B 324 36.99 -0.51 -21.58
CA LEU B 324 35.92 -0.96 -20.69
C LEU B 324 35.30 0.20 -19.92
N THR B 325 36.12 1.15 -19.47
CA THR B 325 35.62 2.26 -18.68
C THR B 325 34.77 3.23 -19.48
N GLU B 326 34.80 3.15 -20.81
CA GLU B 326 34.02 4.06 -21.64
C GLU B 326 32.53 3.69 -21.64
N ARG B 327 32.23 2.40 -21.79
CA ARG B 327 30.85 1.94 -21.74
C ARG B 327 30.31 1.84 -20.32
N HIS B 328 31.19 1.71 -19.32
CA HIS B 328 30.76 1.55 -17.93
C HIS B 328 31.17 2.78 -17.12
N LYS B 329 30.45 3.88 -17.37
CA LYS B 329 30.78 5.17 -16.76
C LYS B 329 30.45 5.22 -15.28
N ILE B 330 29.26 4.76 -14.89
CA ILE B 330 28.87 4.81 -13.48
C ILE B 330 29.73 3.84 -12.66
N LEU B 331 29.91 2.63 -13.19
CA LEU B 331 30.80 1.66 -12.56
C LEU B 331 32.22 2.21 -12.44
N HIS B 332 32.66 2.98 -13.44
CA HIS B 332 33.97 3.60 -13.38
C HIS B 332 34.01 4.65 -12.28
N ARG B 333 32.93 5.42 -12.11
CA ARG B 333 32.91 6.45 -11.07
C ARG B 333 32.88 5.84 -9.68
N LEU B 334 32.06 4.80 -9.47
CA LEU B 334 31.95 4.19 -8.14
C LEU B 334 33.26 3.55 -7.71
N LEU B 335 34.01 2.96 -8.64
CA LEU B 335 35.27 2.32 -8.27
C LEU B 335 36.34 3.33 -7.90
N GLN B 336 36.26 4.55 -8.44
CA GLN B 336 37.22 5.60 -8.10
C GLN B 336 36.86 6.36 -6.83
N GLU B 337 35.59 6.35 -6.42
CA GLU B 337 35.21 7.04 -5.20
C GLU B 337 35.69 6.28 -3.97
N GLY B 338 35.80 7.00 -2.86
CA GLY B 338 36.26 6.41 -1.63
C GLY B 338 35.18 5.61 -0.92
N SER B 339 35.61 4.56 -0.23
CA SER B 339 34.70 3.69 0.50
C SER B 339 34.71 4.02 1.98
C1 GOL C . 34.03 -20.51 -10.40
O1 GOL C . 33.08 -19.99 -9.54
C2 GOL C . 34.26 -21.98 -9.98
O2 GOL C . 34.76 -22.08 -8.69
C3 GOL C . 32.89 -22.67 -10.15
O3 GOL C . 33.07 -23.73 -11.05
#